data_6FI5
#
_entry.id   6FI5
#
_cell.length_a   81.928
_cell.length_b   112.209
_cell.length_c   62.360
_cell.angle_alpha   90.000
_cell.angle_beta   90.000
_cell.angle_gamma   90.000
#
_symmetry.space_group_name_H-M   'C 2 2 21'
#
loop_
_entity.id
_entity.type
_entity.pdbx_description
1 polymer '14-3-3 protein sigma'
2 polymer THR-PRO-SEP-LEU-PRO-DAL
3 non-polymer 'CHLORIDE ION'
4 non-polymer 'MAGNESIUM ION'
5 non-polymer 'SODIUM ION'
6 non-polymer (2~{S})-2-(diphenylmethyl)pyrrolidine
7 water water
#
loop_
_entity_poly.entity_id
_entity_poly.type
_entity_poly.pdbx_seq_one_letter_code
_entity_poly.pdbx_strand_id
1 'polypeptide(L)'
;GAMGSMERASLIQKAKLAEQAERYEDMAAFMKGAVEKGEELSCEERNLLSVAYKNVVGGQRAAWRVLSSIEQKSNEEGSE
EKGPEVREYREKVETELQGVCDTVLGLLDSHLIKEAGDAESRVFYLKMKGDYYRYLAEVATGDDKKRIIDSARSAYQEAM
DISKKEMPPTNPIRLGLALNFSVFHYEIANSPEEAISLAKTTFDEAMADLHTLSEDSYKDSTLIMQLLRDNLTLWT
;
A
2 'polypeptide(L)' TP(SEP)LP(DAL) B
#
loop_
_chem_comp.id
_chem_comp.type
_chem_comp.name
_chem_comp.formula
60H non-polymer (2~{S})-2-(diphenylmethyl)pyrrolidine 'C17 H19 N'
CL non-polymer 'CHLORIDE ION' 'Cl -1'
MG non-polymer 'MAGNESIUM ION' 'Mg 2'
NA non-polymer 'SODIUM ION' 'Na 1'
#
# COMPACT_ATOMS: atom_id res chain seq x y z
N GLY A 1 -5.55 -13.76 19.23
CA GLY A 1 -6.90 -13.12 19.20
C GLY A 1 -8.01 -14.12 18.99
N ALA A 2 -9.02 -13.72 18.21
CA ALA A 2 -10.14 -14.61 17.93
C ALA A 2 -9.80 -15.71 16.94
N MET A 3 -8.70 -15.57 16.19
CA MET A 3 -8.23 -16.62 15.31
C MET A 3 -7.18 -17.50 15.95
N GLY A 4 -6.94 -17.32 17.26
CA GLY A 4 -5.85 -18.02 17.93
C GLY A 4 -6.00 -19.52 17.97
N SER A 5 -7.22 -20.03 17.82
CA SER A 5 -7.47 -21.46 17.90
C SER A 5 -7.45 -22.15 16.54
N MET A 6 -7.33 -21.40 15.45
CA MET A 6 -7.38 -21.98 14.12
C MET A 6 -5.96 -22.19 13.58
N GLU A 7 -5.77 -23.32 12.91
CA GLU A 7 -4.48 -23.65 12.33
C GLU A 7 -4.04 -22.60 11.32
N ARG A 8 -2.72 -22.38 11.26
CA ARG A 8 -2.18 -21.43 10.30
C ARG A 8 -2.62 -21.77 8.88
N ALA A 9 -2.52 -23.05 8.51
CA ALA A 9 -2.87 -23.46 7.16
C ALA A 9 -4.36 -23.21 6.88
N SER A 10 -5.21 -23.46 7.88
CA SER A 10 -6.65 -23.23 7.71
C SER A 10 -6.95 -21.75 7.55
N LEU A 11 -6.25 -20.89 8.30
CA LEU A 11 -6.42 -19.45 8.14
C LEU A 11 -6.07 -19.03 6.71
N ILE A 12 -4.96 -19.53 6.18
N ILE A 12 -4.95 -19.53 6.19
CA ILE A 12 -4.55 -19.19 4.83
CA ILE A 12 -4.56 -19.18 4.82
C ILE A 12 -5.57 -19.70 3.83
C ILE A 12 -5.59 -19.70 3.83
N GLN A 13 -6.02 -20.95 4.00
CA GLN A 13 -7.03 -21.51 3.11
C GLN A 13 -8.31 -20.67 3.13
N LYS A 14 -8.75 -20.26 4.31
CA LYS A 14 -9.99 -19.48 4.40
C LYS A 14 -9.79 -18.06 3.87
N ALA A 15 -8.58 -17.51 3.99
CA ALA A 15 -8.30 -16.21 3.37
C ALA A 15 -8.49 -16.28 1.86
N LYS A 16 -8.06 -17.39 1.25
CA LYS A 16 -8.24 -17.57 -0.19
C LYS A 16 -9.70 -17.74 -0.56
N LEU A 17 -10.46 -18.47 0.27
CA LEU A 17 -11.90 -18.56 0.06
C LEU A 17 -12.57 -17.20 0.20
N ALA A 18 -12.18 -16.45 1.22
CA ALA A 18 -12.76 -15.12 1.44
C ALA A 18 -12.51 -14.20 0.25
N GLU A 19 -11.31 -14.26 -0.32
CA GLU A 19 -11.03 -13.47 -1.52
C GLU A 19 -11.97 -13.86 -2.66
N GLN A 20 -12.18 -15.15 -2.87
CA GLN A 20 -13.07 -15.60 -3.93
C GLN A 20 -14.49 -15.13 -3.70
N ALA A 21 -14.90 -15.00 -2.45
CA ALA A 21 -16.22 -14.52 -2.10
C ALA A 21 -16.28 -13.01 -1.94
N GLU A 22 -15.19 -12.31 -2.23
CA GLU A 22 -15.11 -10.86 -2.07
C GLU A 22 -15.54 -10.43 -0.68
N ARG A 23 -15.10 -11.21 0.32
CA ARG A 23 -15.37 -10.95 1.73
C ARG A 23 -14.05 -10.49 2.35
N TYR A 24 -13.71 -9.22 2.11
CA TYR A 24 -12.34 -8.79 2.40
C TYR A 24 -12.13 -8.52 3.89
N GLU A 25 -13.16 -8.12 4.63
CA GLU A 25 -13.01 -8.00 6.07
CA GLU A 25 -13.03 -8.01 6.08
C GLU A 25 -12.67 -9.35 6.69
N ASP A 26 -13.38 -10.41 6.28
CA ASP A 26 -13.02 -11.76 6.71
C ASP A 26 -11.60 -12.10 6.30
N MET A 27 -11.26 -11.81 5.05
CA MET A 27 -9.93 -12.12 4.53
C MET A 27 -8.86 -11.48 5.39
N ALA A 28 -9.06 -10.22 5.77
CA ALA A 28 -8.08 -9.51 6.58
C ALA A 28 -7.97 -10.13 7.97
N ALA A 29 -9.10 -10.48 8.58
CA ALA A 29 -9.06 -11.09 9.90
C ALA A 29 -8.35 -12.43 9.86
N PHE A 30 -8.57 -13.22 8.80
CA PHE A 30 -7.86 -14.49 8.66
C PHE A 30 -6.36 -14.27 8.52
N MET A 31 -5.97 -13.31 7.69
CA MET A 31 -4.54 -13.05 7.49
C MET A 31 -3.90 -12.44 8.73
N LYS A 32 -4.64 -11.61 9.47
CA LYS A 32 -4.14 -11.15 10.76
C LYS A 32 -3.87 -12.33 11.68
N GLY A 33 -4.81 -13.27 11.76
CA GLY A 33 -4.58 -14.46 12.54
C GLY A 33 -3.36 -15.22 12.08
N ALA A 34 -3.17 -15.33 10.76
CA ALA A 34 -2.01 -16.03 10.22
C ALA A 34 -0.70 -15.34 10.60
N VAL A 35 -0.66 -14.01 10.45
CA VAL A 35 0.55 -13.28 10.85
C VAL A 35 0.84 -13.52 12.32
N GLU A 36 -0.19 -13.51 13.16
CA GLU A 36 0.00 -13.61 14.61
C GLU A 36 0.39 -15.01 15.06
N LYS A 37 0.48 -15.98 14.13
CA LYS A 37 1.10 -17.27 14.47
C LYS A 37 2.60 -17.13 14.69
N GLY A 38 3.21 -16.03 14.25
CA GLY A 38 4.60 -15.76 14.54
C GLY A 38 5.58 -16.18 13.47
N GLU A 39 5.15 -16.95 12.47
CA GLU A 39 6.04 -17.38 11.41
C GLU A 39 6.10 -16.31 10.32
N GLU A 40 7.21 -16.31 9.59
CA GLU A 40 7.34 -15.42 8.43
C GLU A 40 6.33 -15.81 7.36
N LEU A 41 5.98 -14.86 6.49
CA LEU A 41 5.03 -15.10 5.43
C LEU A 41 5.75 -15.41 4.13
N SER A 42 5.20 -16.34 3.37
CA SER A 42 5.69 -16.58 2.02
C SER A 42 5.26 -15.44 1.10
N CYS A 43 5.81 -15.47 -0.12
N CYS A 43 5.82 -15.47 -0.12
CA CYS A 43 5.43 -14.45 -1.10
CA CYS A 43 5.44 -14.47 -1.12
C CYS A 43 3.93 -14.45 -1.36
C CYS A 43 3.94 -14.45 -1.34
N GLU A 44 3.34 -15.63 -1.55
CA GLU A 44 1.90 -15.70 -1.79
C GLU A 44 1.13 -15.19 -0.59
N GLU A 45 1.62 -15.49 0.63
CA GLU A 45 0.91 -15.06 1.83
C GLU A 45 1.02 -13.55 2.02
N ARG A 46 2.17 -12.97 1.68
CA ARG A 46 2.30 -11.51 1.72
C ARG A 46 1.28 -10.85 0.80
N ASN A 47 1.11 -11.40 -0.41
CA ASN A 47 0.13 -10.85 -1.33
C ASN A 47 -1.28 -10.95 -0.75
N LEU A 48 -1.61 -12.06 -0.09
CA LEU A 48 -2.94 -12.20 0.50
C LEU A 48 -3.17 -11.15 1.58
N LEU A 49 -2.17 -10.95 2.45
CA LEU A 49 -2.25 -9.89 3.46
C LEU A 49 -2.51 -8.54 2.82
N SER A 50 -1.76 -8.22 1.76
CA SER A 50 -1.88 -6.93 1.10
C SER A 50 -3.24 -6.77 0.44
N VAL A 51 -3.68 -7.79 -0.30
CA VAL A 51 -4.98 -7.71 -0.98
C VAL A 51 -6.09 -7.48 0.03
N ALA A 52 -6.06 -8.20 1.15
CA ALA A 52 -7.13 -8.13 2.13
C ALA A 52 -7.28 -6.73 2.70
N TYR A 53 -6.19 -6.19 3.27
CA TYR A 53 -6.29 -4.89 3.93
C TYR A 53 -6.42 -3.75 2.94
N LYS A 54 -5.81 -3.88 1.76
CA LYS A 54 -6.00 -2.87 0.72
C LYS A 54 -7.47 -2.69 0.38
N ASN A 55 -8.21 -3.79 0.25
CA ASN A 55 -9.62 -3.70 -0.08
C ASN A 55 -10.44 -3.16 1.09
N VAL A 56 -10.09 -3.53 2.31
CA VAL A 56 -10.82 -3.00 3.46
C VAL A 56 -10.61 -1.49 3.55
N VAL A 57 -9.36 -1.02 3.57
N VAL A 57 -9.35 -1.05 3.53
CA VAL A 57 -9.15 0.42 3.70
CA VAL A 57 -9.06 0.37 3.68
C VAL A 57 -9.61 1.15 2.46
C VAL A 57 -9.53 1.15 2.45
N GLY A 58 -9.56 0.50 1.29
CA GLY A 58 -10.01 1.17 0.08
C GLY A 58 -11.47 1.58 0.19
N GLY A 59 -12.31 0.70 0.72
CA GLY A 59 -13.70 1.06 0.94
C GLY A 59 -13.85 2.17 1.96
N GLN A 60 -13.05 2.14 3.02
CA GLN A 60 -13.12 3.17 4.05
C GLN A 60 -12.69 4.52 3.49
N ARG A 61 -11.59 4.54 2.74
CA ARG A 61 -11.10 5.81 2.19
C ARG A 61 -12.11 6.39 1.22
N ALA A 62 -12.71 5.57 0.36
CA ALA A 62 -13.70 6.07 -0.58
C ALA A 62 -14.91 6.61 0.15
N ALA A 63 -15.34 5.93 1.22
CA ALA A 63 -16.43 6.45 2.05
C ALA A 63 -16.03 7.78 2.69
N TRP A 64 -14.82 7.84 3.24
CA TRP A 64 -14.35 9.06 3.89
C TRP A 64 -14.32 10.23 2.92
N ARG A 65 -13.85 9.98 1.69
CA ARG A 65 -13.81 11.05 0.69
CA ARG A 65 -13.81 11.04 0.69
C ARG A 65 -15.21 11.55 0.37
N VAL A 66 -16.19 10.64 0.24
CA VAL A 66 -17.56 11.06 -0.02
C VAL A 66 -18.06 11.95 1.11
N LEU A 67 -17.85 11.53 2.36
CA LEU A 67 -18.40 12.26 3.50
C LEU A 67 -17.66 13.59 3.70
N SER A 68 -16.35 13.60 3.49
CA SER A 68 -15.60 14.84 3.62
CA SER A 68 -15.59 14.84 3.62
C SER A 68 -16.04 15.87 2.58
N SER A 69 -16.28 15.41 1.35
CA SER A 69 -16.76 16.33 0.31
CA SER A 69 -16.76 16.33 0.31
C SER A 69 -18.09 16.95 0.71
N ILE A 70 -19.01 16.15 1.25
CA ILE A 70 -20.28 16.68 1.74
C ILE A 70 -20.04 17.65 2.88
N GLU A 71 -19.18 17.27 3.83
CA GLU A 71 -18.88 18.14 4.95
C GLU A 71 -18.35 19.48 4.47
N GLN A 72 -17.48 19.45 3.46
CA GLN A 72 -16.90 20.70 2.96
C GLN A 72 -17.96 21.55 2.26
N LYS A 73 -18.76 20.94 1.39
CA LYS A 73 -19.84 21.68 0.75
C LYS A 73 -20.77 22.30 1.79
N SER A 74 -21.00 21.59 2.90
CA SER A 74 -21.86 22.12 3.95
C SER A 74 -21.29 23.39 4.58
N ASN A 75 -20.01 23.68 4.36
CA ASN A 75 -19.38 24.86 4.94
C ASN A 75 -19.13 25.93 3.87
N GLU A 76 -20.20 26.43 3.25
CA GLU A 76 -20.08 27.51 2.28
C GLU A 76 -21.44 28.09 1.94
N GLY A 83 -26.47 20.79 11.08
CA GLY A 83 -26.18 20.13 12.34
C GLY A 83 -24.91 19.31 12.31
N PRO A 84 -24.65 18.56 13.39
CA PRO A 84 -23.37 17.88 13.53
C PRO A 84 -23.27 16.51 12.87
N GLU A 85 -24.33 16.04 12.22
CA GLU A 85 -24.39 14.65 11.77
C GLU A 85 -23.32 14.34 10.74
N VAL A 86 -23.13 15.22 9.75
CA VAL A 86 -22.13 14.97 8.71
C VAL A 86 -20.75 14.83 9.33
N ARG A 87 -20.36 15.79 10.16
CA ARG A 87 -19.06 15.73 10.82
C ARG A 87 -18.94 14.48 11.66
N GLU A 88 -19.99 14.16 12.45
CA GLU A 88 -19.95 12.99 13.32
C GLU A 88 -19.73 11.72 12.51
N TYR A 89 -20.47 11.55 11.42
CA TYR A 89 -20.35 10.30 10.66
C TYR A 89 -19.02 10.25 9.93
N ARG A 90 -18.56 11.38 9.39
CA ARG A 90 -17.22 11.41 8.82
C ARG A 90 -16.17 11.00 9.85
N GLU A 91 -16.32 11.49 11.09
CA GLU A 91 -15.38 11.12 12.16
C GLU A 91 -15.48 9.64 12.50
N LYS A 92 -16.69 9.07 12.43
CA LYS A 92 -16.86 7.65 12.71
C LYS A 92 -16.08 6.81 11.70
N VAL A 93 -16.25 7.11 10.41
CA VAL A 93 -15.52 6.40 9.37
C VAL A 93 -14.04 6.64 9.51
N GLU A 94 -13.64 7.89 9.75
CA GLU A 94 -12.22 8.21 9.88
C GLU A 94 -11.58 7.42 11.01
N THR A 95 -12.28 7.28 12.14
CA THR A 95 -11.73 6.53 13.27
C THR A 95 -11.59 5.05 12.94
N GLU A 96 -12.60 4.49 12.27
N GLU A 96 -12.58 4.48 12.25
CA GLU A 96 -12.51 3.10 11.83
CA GLU A 96 -12.46 3.08 11.86
C GLU A 96 -11.35 2.91 10.86
C GLU A 96 -11.35 2.89 10.84
N LEU A 97 -11.17 3.87 9.95
CA LEU A 97 -10.07 3.82 8.99
CA LEU A 97 -10.07 3.83 8.99
C LEU A 97 -8.73 3.88 9.72
N GLN A 98 -8.58 4.80 10.67
CA GLN A 98 -7.34 4.89 11.41
C GLN A 98 -7.08 3.61 12.19
N GLY A 99 -8.14 2.96 12.67
CA GLY A 99 -7.97 1.72 13.42
C GLY A 99 -7.42 0.59 12.56
N VAL A 100 -7.88 0.48 11.32
CA VAL A 100 -7.34 -0.55 10.43
C VAL A 100 -5.89 -0.22 10.08
N CYS A 101 -5.58 1.05 9.80
CA CYS A 101 -4.19 1.43 9.57
C CYS A 101 -3.32 1.10 10.76
N ASP A 102 -3.80 1.38 11.98
CA ASP A 102 -3.04 1.05 13.17
C ASP A 102 -2.87 -0.46 13.31
N THR A 103 -3.89 -1.23 12.93
CA THR A 103 -3.78 -2.68 12.98
C THR A 103 -2.69 -3.19 12.03
N VAL A 104 -2.70 -2.72 10.78
CA VAL A 104 -1.71 -3.18 9.82
C VAL A 104 -0.31 -2.75 10.25
N LEU A 105 -0.17 -1.50 10.67
CA LEU A 105 1.14 -1.02 11.09
C LEU A 105 1.63 -1.79 12.30
N GLY A 106 0.70 -2.21 13.18
CA GLY A 106 1.09 -3.03 14.31
C GLY A 106 1.59 -4.40 13.91
N LEU A 107 0.97 -5.00 12.89
CA LEU A 107 1.46 -6.27 12.37
C LEU A 107 2.86 -6.12 11.78
N LEU A 108 3.09 -5.03 11.05
CA LEU A 108 4.40 -4.82 10.45
C LEU A 108 5.45 -4.61 11.53
N ASP A 109 5.09 -3.89 12.59
CA ASP A 109 6.03 -3.64 13.68
C ASP A 109 6.15 -4.81 14.64
N SER A 110 5.20 -5.77 14.61
CA SER A 110 5.16 -6.86 15.57
C SER A 110 4.75 -8.16 14.86
N HIS A 111 5.67 -8.79 14.13
CA HIS A 111 7.08 -8.41 14.02
C HIS A 111 7.57 -8.69 12.60
N LEU A 112 6.72 -8.41 11.62
CA LEU A 112 7.03 -8.79 10.24
C LEU A 112 8.32 -8.13 9.75
N ILE A 113 8.46 -6.83 9.98
CA ILE A 113 9.60 -6.12 9.39
C ILE A 113 10.91 -6.60 9.99
N LYS A 114 10.98 -6.73 11.31
CA LYS A 114 12.27 -7.05 11.92
C LYS A 114 12.74 -8.46 11.57
N GLU A 115 11.82 -9.35 11.19
CA GLU A 115 12.20 -10.69 10.78
C GLU A 115 12.43 -10.83 9.29
N ALA A 116 12.15 -9.79 8.50
CA ALA A 116 12.31 -9.83 7.04
C ALA A 116 13.76 -9.48 6.69
N GLY A 117 14.54 -10.50 6.35
CA GLY A 117 15.93 -10.31 5.97
C GLY A 117 16.15 -10.30 4.47
N ASP A 118 15.30 -10.99 3.71
CA ASP A 118 15.41 -11.00 2.26
C ASP A 118 14.87 -9.69 1.70
N ALA A 119 15.57 -9.15 0.70
CA ALA A 119 15.22 -7.85 0.15
C ALA A 119 13.76 -7.78 -0.27
N GLU A 120 13.24 -8.84 -0.90
CA GLU A 120 11.89 -8.77 -1.45
C GLU A 120 10.84 -8.67 -0.35
N SER A 121 10.97 -9.47 0.71
CA SER A 121 10.02 -9.37 1.82
C SER A 121 10.19 -8.06 2.57
N ARG A 122 11.43 -7.63 2.81
CA ARG A 122 11.64 -6.40 3.55
C ARG A 122 11.11 -5.19 2.79
N VAL A 123 11.40 -5.12 1.48
CA VAL A 123 10.85 -4.02 0.68
C VAL A 123 9.33 -4.09 0.66
N PHE A 124 8.78 -5.30 0.54
CA PHE A 124 7.32 -5.45 0.53
C PHE A 124 6.70 -4.84 1.78
N TYR A 125 7.23 -5.17 2.96
CA TYR A 125 6.62 -4.70 4.19
C TYR A 125 6.86 -3.21 4.38
N LEU A 126 8.04 -2.72 4.03
CA LEU A 126 8.30 -1.29 4.18
C LEU A 126 7.44 -0.46 3.23
N LYS A 127 7.21 -0.97 2.01
CA LYS A 127 6.24 -0.32 1.12
C LYS A 127 4.86 -0.29 1.76
N MET A 128 4.45 -1.38 2.40
CA MET A 128 3.16 -1.40 3.08
CA MET A 128 3.16 -1.40 3.07
C MET A 128 3.13 -0.38 4.21
N LYS A 129 4.22 -0.28 4.96
CA LYS A 129 4.29 0.69 6.04
C LYS A 129 4.10 2.11 5.51
N GLY A 130 4.78 2.44 4.42
CA GLY A 130 4.60 3.76 3.81
C GLY A 130 3.17 3.99 3.35
N ASP A 131 2.58 3.00 2.68
CA ASP A 131 1.19 3.12 2.25
C ASP A 131 0.26 3.46 3.41
N TYR A 132 0.37 2.72 4.52
CA TYR A 132 -0.62 2.89 5.58
C TYR A 132 -0.37 4.15 6.40
N TYR A 133 0.88 4.62 6.50
CA TYR A 133 1.09 5.95 7.03
C TYR A 133 0.57 7.00 6.06
N ARG A 134 0.64 6.74 4.75
CA ARG A 134 0.08 7.67 3.76
C ARG A 134 -1.42 7.79 3.91
N TYR A 135 -2.11 6.68 4.16
CA TYR A 135 -3.56 6.72 4.36
C TYR A 135 -3.89 7.49 5.63
N LEU A 136 -3.10 7.31 6.69
CA LEU A 136 -3.28 8.12 7.89
C LEU A 136 -3.05 9.60 7.59
N ALA A 137 -2.08 9.91 6.73
CA ALA A 137 -1.81 11.30 6.40
C ALA A 137 -2.97 11.94 5.63
N GLU A 138 -3.65 11.15 4.79
CA GLU A 138 -4.76 11.66 4.01
C GLU A 138 -5.85 12.27 4.89
N VAL A 139 -6.01 11.78 6.11
CA VAL A 139 -7.07 12.23 7.01
C VAL A 139 -6.53 13.03 8.20
N ALA A 140 -5.22 13.23 8.27
CA ALA A 140 -4.62 13.90 9.41
C ALA A 140 -4.69 15.41 9.25
N THR A 141 -4.88 16.10 10.37
CA THR A 141 -5.02 17.54 10.37
C THR A 141 -4.26 18.15 11.54
N ASP A 144 0.22 16.09 14.68
CA ASP A 144 1.04 14.93 14.33
C ASP A 144 1.06 14.69 12.83
N LYS A 145 0.36 15.53 12.06
CA LYS A 145 0.31 15.32 10.62
C LYS A 145 1.70 15.30 10.00
N LYS A 146 2.56 16.25 10.39
CA LYS A 146 3.89 16.30 9.82
C LYS A 146 4.69 15.06 10.19
N ARG A 147 4.54 14.59 11.43
CA ARG A 147 5.23 13.36 11.84
C ARG A 147 4.71 12.16 11.07
N ILE A 148 3.39 12.11 10.81
CA ILE A 148 2.82 10.99 10.04
C ILE A 148 3.38 10.99 8.63
N ILE A 149 3.45 12.16 8.00
CA ILE A 149 3.99 12.28 6.66
C ILE A 149 5.44 11.82 6.63
N ASP A 150 6.23 12.20 7.64
CA ASP A 150 7.63 11.82 7.63
C ASP A 150 7.80 10.32 7.90
N SER A 151 6.90 9.73 8.67
CA SER A 151 6.93 8.27 8.84
C SER A 151 6.69 7.56 7.51
N ALA A 152 5.71 8.04 6.74
CA ALA A 152 5.49 7.45 5.42
C ALA A 152 6.72 7.62 4.55
N ARG A 153 7.27 8.83 4.51
CA ARG A 153 8.47 9.09 3.71
CA ARG A 153 8.47 9.09 3.71
C ARG A 153 9.63 8.21 4.14
N SER A 154 9.85 8.07 5.44
CA SER A 154 10.99 7.29 5.91
CA SER A 154 10.99 7.29 5.92
C SER A 154 10.85 5.83 5.52
N ALA A 155 9.64 5.27 5.64
CA ALA A 155 9.42 3.88 5.27
C ALA A 155 9.62 3.67 3.78
N TYR A 156 9.01 4.53 2.94
CA TYR A 156 9.22 4.45 1.51
C TYR A 156 10.71 4.57 1.16
N GLN A 157 11.41 5.50 1.81
CA GLN A 157 12.80 5.76 1.47
C GLN A 157 13.68 4.56 1.79
N GLU A 158 13.50 3.94 2.96
CA GLU A 158 14.27 2.75 3.28
C GLU A 158 13.99 1.64 2.27
N ALA A 159 12.73 1.48 1.88
CA ALA A 159 12.39 0.48 0.87
C ALA A 159 13.05 0.80 -0.46
N MET A 160 13.05 2.09 -0.85
CA MET A 160 13.72 2.48 -2.09
C MET A 160 15.20 2.14 -2.03
N ASP A 161 15.86 2.47 -0.91
CA ASP A 161 17.29 2.21 -0.80
C ASP A 161 17.60 0.74 -0.96
N ILE A 162 16.81 -0.13 -0.33
CA ILE A 162 17.03 -1.56 -0.45
C ILE A 162 16.73 -2.03 -1.87
N SER A 163 15.61 -1.58 -2.44
CA SER A 163 15.21 -2.09 -3.74
C SER A 163 16.22 -1.72 -4.82
N LYS A 164 16.75 -0.51 -4.76
CA LYS A 164 17.73 -0.10 -5.76
C LYS A 164 19.04 -0.87 -5.59
N LYS A 165 19.35 -1.33 -4.38
N LYS A 165 19.36 -1.33 -4.39
CA LYS A 165 20.57 -2.08 -4.14
CA LYS A 165 20.58 -2.08 -4.16
C LYS A 165 20.42 -3.55 -4.50
C LYS A 165 20.44 -3.56 -4.44
N GLU A 166 19.25 -4.13 -4.24
CA GLU A 166 19.09 -5.59 -4.24
C GLU A 166 18.17 -6.16 -5.32
N MET A 167 17.48 -5.35 -6.09
N MET A 167 17.44 -5.35 -6.05
CA MET A 167 16.46 -5.89 -7.00
CA MET A 167 16.45 -5.82 -7.01
C MET A 167 16.56 -5.23 -8.37
C MET A 167 16.76 -5.30 -8.41
N PRO A 168 16.30 -5.99 -9.45
CA PRO A 168 16.38 -5.42 -10.80
C PRO A 168 15.33 -4.33 -11.00
N PRO A 169 15.57 -3.39 -11.91
CA PRO A 169 14.62 -2.28 -12.07
C PRO A 169 13.25 -2.69 -12.58
N THR A 170 13.08 -3.90 -13.11
CA THR A 170 11.79 -4.40 -13.57
C THR A 170 11.05 -5.20 -12.51
N ASN A 171 11.66 -5.45 -11.36
CA ASN A 171 11.00 -6.23 -10.32
C ASN A 171 9.65 -5.60 -9.97
N PRO A 172 8.54 -6.36 -10.01
CA PRO A 172 7.24 -5.74 -9.71
C PRO A 172 7.16 -5.06 -8.35
N ILE A 173 7.76 -5.63 -7.31
CA ILE A 173 7.73 -4.99 -6.00
C ILE A 173 8.42 -3.64 -6.04
N ARG A 174 9.60 -3.59 -6.67
CA ARG A 174 10.32 -2.32 -6.79
C ARG A 174 9.52 -1.31 -7.63
N LEU A 175 8.92 -1.77 -8.73
CA LEU A 175 8.10 -0.87 -9.54
C LEU A 175 6.90 -0.37 -8.77
N GLY A 176 6.23 -1.25 -8.03
CA GLY A 176 5.05 -0.84 -7.28
C GLY A 176 5.40 0.10 -6.15
N LEU A 177 6.54 -0.14 -5.49
CA LEU A 177 7.04 0.80 -4.50
C LEU A 177 7.24 2.18 -5.11
N ALA A 178 7.92 2.24 -6.26
CA ALA A 178 8.22 3.52 -6.88
C ALA A 178 6.94 4.23 -7.31
N LEU A 179 5.97 3.49 -7.85
CA LEU A 179 4.69 4.08 -8.22
C LEU A 179 4.04 4.75 -7.02
N ASN A 180 3.99 4.04 -5.88
CA ASN A 180 3.30 4.58 -4.72
C ASN A 180 4.10 5.66 -4.01
N PHE A 181 5.43 5.59 -4.01
CA PHE A 181 6.21 6.68 -3.46
C PHE A 181 6.03 7.94 -4.29
N SER A 182 5.93 7.79 -5.61
CA SER A 182 5.68 8.94 -6.47
C SER A 182 4.31 9.54 -6.22
N VAL A 183 3.30 8.71 -5.98
CA VAL A 183 1.98 9.21 -5.59
C VAL A 183 2.07 9.95 -4.26
N PHE A 184 2.84 9.41 -3.31
CA PHE A 184 3.04 10.10 -2.04
C PHE A 184 3.59 11.51 -2.27
N HIS A 185 4.62 11.62 -3.12
CA HIS A 185 5.20 12.92 -3.42
C HIS A 185 4.16 13.87 -4.00
N TYR A 186 3.34 13.37 -4.93
CA TYR A 186 2.40 14.23 -5.63
C TYR A 186 1.23 14.62 -4.74
N GLU A 187 0.66 13.64 -4.02
CA GLU A 187 -0.59 13.86 -3.31
C GLU A 187 -0.41 14.28 -1.85
N ILE A 188 0.67 13.90 -1.19
CA ILE A 188 0.85 14.12 0.24
C ILE A 188 1.92 15.17 0.52
N ALA A 189 3.08 15.06 -0.11
CA ALA A 189 4.23 15.90 0.21
C ALA A 189 4.26 17.20 -0.57
N ASN A 190 3.31 17.44 -1.46
CA ASN A 190 3.29 18.67 -2.25
C ASN A 190 4.59 18.82 -3.03
N SER A 191 5.06 17.71 -3.60
CA SER A 191 6.30 17.67 -4.37
C SER A 191 6.03 17.07 -5.74
N PRO A 192 5.18 17.71 -6.54
CA PRO A 192 4.83 17.11 -7.84
C PRO A 192 6.03 16.89 -8.74
N GLU A 193 7.03 17.77 -8.68
CA GLU A 193 8.20 17.58 -9.52
C GLU A 193 9.01 16.37 -9.10
N GLU A 194 9.09 16.09 -7.80
CA GLU A 194 9.77 14.88 -7.33
C GLU A 194 8.99 13.64 -7.76
N ALA A 195 7.66 13.70 -7.68
CA ALA A 195 6.83 12.59 -8.14
C ALA A 195 7.08 12.29 -9.60
N ILE A 196 7.10 13.33 -10.44
CA ILE A 196 7.29 13.15 -11.88
C ILE A 196 8.67 12.59 -12.17
N SER A 197 9.70 13.16 -11.54
CA SER A 197 11.06 12.67 -11.75
CA SER A 197 11.07 12.67 -11.74
C SER A 197 11.18 11.20 -11.36
N LEU A 198 10.64 10.83 -10.21
CA LEU A 198 10.74 9.45 -9.75
C LEU A 198 10.03 8.51 -10.72
N ALA A 199 8.83 8.88 -11.18
CA ALA A 199 8.09 8.00 -12.07
C ALA A 199 8.77 7.88 -13.42
N LYS A 200 9.36 8.98 -13.90
CA LYS A 200 10.06 8.96 -15.18
CA LYS A 200 10.04 8.94 -15.19
C LYS A 200 11.31 8.10 -15.13
N THR A 201 12.14 8.30 -14.11
CA THR A 201 13.36 7.51 -14.01
CA THR A 201 13.37 7.53 -13.97
C THR A 201 13.06 6.05 -13.76
N THR A 202 12.00 5.76 -13.00
CA THR A 202 11.60 4.38 -12.77
C THR A 202 11.15 3.72 -14.07
N PHE A 203 10.32 4.43 -14.85
CA PHE A 203 9.84 3.89 -16.11
C PHE A 203 11.01 3.63 -17.07
N ASP A 204 11.92 4.59 -17.17
CA ASP A 204 13.01 4.49 -18.14
C ASP A 204 14.00 3.39 -17.76
N GLU A 205 14.28 3.24 -16.47
CA GLU A 205 15.21 2.19 -16.06
C GLU A 205 14.61 0.80 -16.21
N ALA A 206 13.29 0.67 -16.03
CA ALA A 206 12.65 -0.63 -16.27
C ALA A 206 12.59 -0.95 -17.76
N MET A 207 12.28 0.05 -18.59
N MET A 207 12.30 0.05 -18.59
CA MET A 207 12.30 -0.15 -20.04
CA MET A 207 12.29 -0.16 -20.04
C MET A 207 13.61 -0.79 -20.49
C MET A 207 13.60 -0.77 -20.51
N ALA A 208 14.72 -0.24 -20.04
CA ALA A 208 16.03 -0.70 -20.48
C ALA A 208 16.39 -2.10 -20.00
N ASP A 209 15.65 -2.64 -19.03
CA ASP A 209 15.92 -3.95 -18.47
C ASP A 209 14.91 -5.00 -18.91
N LEU A 210 13.90 -4.61 -19.70
CA LEU A 210 12.89 -5.57 -20.14
C LEU A 210 13.49 -6.69 -20.99
N HIS A 211 14.57 -6.41 -21.71
CA HIS A 211 15.12 -7.42 -22.62
C HIS A 211 15.61 -8.66 -21.87
N THR A 212 15.80 -8.57 -20.56
CA THR A 212 16.32 -9.71 -19.79
C THR A 212 15.22 -10.67 -19.37
N LEU A 213 13.96 -10.35 -19.61
CA LEU A 213 12.83 -11.00 -18.97
C LEU A 213 12.19 -12.06 -19.85
N SER A 214 11.61 -13.06 -19.19
CA SER A 214 10.73 -14.01 -19.86
C SER A 214 9.43 -13.33 -20.25
N GLU A 215 8.67 -14.02 -21.11
CA GLU A 215 7.37 -13.50 -21.53
C GLU A 215 6.48 -13.23 -20.31
N ASP A 216 6.49 -14.13 -19.33
CA ASP A 216 5.61 -13.97 -18.17
C ASP A 216 6.06 -12.80 -17.29
N SER A 217 7.37 -12.67 -17.07
CA SER A 217 7.87 -11.54 -16.29
C SER A 217 7.68 -10.23 -17.05
N TYR A 218 7.87 -10.27 -18.37
CA TYR A 218 7.62 -9.09 -19.19
C TYR A 218 6.21 -8.56 -18.98
N LYS A 219 5.22 -9.46 -18.95
CA LYS A 219 3.84 -9.03 -18.74
C LYS A 219 3.66 -8.39 -17.37
N ASP A 220 4.25 -8.98 -16.32
CA ASP A 220 4.09 -8.44 -14.97
C ASP A 220 4.66 -7.03 -14.88
N SER A 221 5.86 -6.83 -15.43
CA SER A 221 6.54 -5.54 -15.31
C SER A 221 5.86 -4.48 -16.15
N THR A 222 5.50 -4.81 -17.39
CA THR A 222 4.94 -3.80 -18.29
C THR A 222 3.55 -3.35 -17.82
N LEU A 223 2.81 -4.23 -17.15
N LEU A 223 2.82 -4.24 -17.14
CA LEU A 223 1.53 -3.82 -16.56
CA LEU A 223 1.54 -3.84 -16.55
C LEU A 223 1.73 -2.66 -15.59
C LEU A 223 1.72 -2.68 -15.58
N ILE A 224 2.71 -2.79 -14.68
CA ILE A 224 2.95 -1.72 -13.72
C ILE A 224 3.56 -0.50 -14.40
N MET A 225 4.43 -0.73 -15.40
CA MET A 225 4.99 0.40 -16.13
C MET A 225 3.90 1.23 -16.78
N GLN A 226 2.83 0.59 -17.25
CA GLN A 226 1.75 1.34 -17.88
C GLN A 226 1.04 2.23 -16.87
N LEU A 227 0.93 1.78 -15.61
CA LEU A 227 0.34 2.62 -14.58
C LEU A 227 1.24 3.82 -14.25
N LEU A 228 2.55 3.60 -14.23
CA LEU A 228 3.48 4.72 -14.11
C LEU A 228 3.25 5.74 -15.23
N ARG A 229 3.16 5.24 -16.46
CA ARG A 229 2.95 6.15 -17.59
CA ARG A 229 2.95 6.14 -17.60
C ARG A 229 1.60 6.85 -17.50
N ASP A 230 0.56 6.12 -17.06
CA ASP A 230 -0.75 6.74 -16.89
C ASP A 230 -0.67 7.95 -15.96
N ASN A 231 0.04 7.81 -14.83
CA ASN A 231 0.14 8.90 -13.88
C ASN A 231 0.95 10.06 -14.45
N LEU A 232 2.04 9.75 -15.16
CA LEU A 232 2.83 10.80 -15.80
C LEU A 232 1.99 11.59 -16.79
N THR A 233 1.11 10.91 -17.52
CA THR A 233 0.22 11.58 -18.46
C THR A 233 -0.76 12.48 -17.71
N LEU A 234 -1.27 12.01 -16.58
CA LEU A 234 -2.17 12.82 -15.77
C LEU A 234 -1.43 14.03 -15.21
N TRP A 235 -0.15 13.86 -14.86
CA TRP A 235 0.61 14.90 -14.18
C TRP A 235 1.22 15.93 -15.12
N THR A 236 1.34 15.61 -16.40
CA THR A 236 1.97 16.51 -17.35
C THR A 236 1.00 16.92 -18.45
N THR B 1 -4.56 10.88 -7.37
CA THR B 1 -3.89 10.06 -8.39
C THR B 1 -4.02 8.58 -8.07
N PRO B 2 -4.26 7.74 -9.10
CA PRO B 2 -4.32 6.31 -8.84
C PRO B 2 -3.01 5.72 -8.34
N SEP B 3 -3.10 4.95 -7.25
CA SEP B 3 -1.96 4.21 -6.74
CB SEP B 3 -2.00 4.18 -5.21
OG SEP B 3 -3.22 3.58 -4.81
C SEP B 3 -1.97 2.77 -7.27
O SEP B 3 -2.87 2.40 -8.04
P SEP B 3 -3.61 3.84 -3.28
O1P SEP B 3 -3.70 5.42 -2.96
O2P SEP B 3 -5.03 3.14 -3.04
O3P SEP B 3 -2.49 3.12 -2.36
HA SEP B 3 -1.13 4.63 -7.02
HB2 SEP B 3 -1.96 5.09 -4.87
HB3 SEP B 3 -1.26 3.66 -4.87
N LEU B 4 -1.00 1.98 -6.86
CA LEU B 4 -0.87 0.62 -7.34
C LEU B 4 -1.99 -0.27 -6.80
N PRO B 5 -2.88 -0.75 -7.68
CA PRO B 5 -3.93 -1.64 -7.17
C PRO B 5 -3.35 -2.96 -6.68
N DAL B 6 -3.97 -3.56 -5.67
CA DAL B 6 -3.48 -4.82 -5.11
CB DAL B 6 -4.35 -5.25 -3.93
C DAL B 6 -2.03 -4.69 -4.67
O DAL B 6 -1.63 -3.67 -4.10
H DAL B 6 -4.67 -3.26 -5.28
HA DAL B 6 -3.54 -5.51 -5.79
HB1 DAL B 6 -4.01 -6.08 -3.58
HB2 DAL B 6 -5.26 -5.36 -4.24
HB3 DAL B 6 -4.30 -4.56 -3.25
CL CL C . -14.63 -20.04 9.53
MG MG D . 8.87 22.01 -13.48
NA NA E . -0.50 -25.53 14.35
NA NA F . 18.52 -9.57 -5.96
NA NA G . -29.15 17.45 11.38
NA NA H . -10.45 12.42 13.65
N10 60H I . -1.17 -5.78 -4.33
C38 60H I . 0.29 -5.80 -3.85
C39 60H I . 1.29 -4.88 -4.73
C46 60H I . 1.61 -5.56 -6.17
C51 60H I . 2.71 -6.44 -6.39
C50 60H I . 2.96 -7.02 -7.66
C49 60H I . 2.12 -6.73 -8.75
C48 60H I . 1.03 -5.87 -8.56
C47 60H I . 0.79 -5.29 -7.29
C40 60H I . 2.61 -4.55 -3.93
C45 60H I . 2.68 -4.77 -2.54
C44 60H I . 3.85 -4.48 -1.80
C43 60H I . 4.98 -3.92 -2.44
C42 60H I . 4.94 -3.68 -3.82
C41 60H I . 3.75 -3.98 -4.55
C37 60H I . 0.67 -7.24 -3.76
C36 60H I . -0.10 -7.95 -4.83
C35 60H I . -1.40 -7.20 -4.94
#